data_5QHT
#
_entry.id   5QHT
#
_cell.length_a   34.200
_cell.length_b   41.390
_cell.length_c   111.370
_cell.angle_alpha   90.000
_cell.angle_beta   90.000
_cell.angle_gamma   90.000
#
_symmetry.space_group_name_H-M   'P 21 21 21'
#
loop_
_entity.id
_entity.type
_entity.pdbx_description
1 polymer 'Poly [ADP-ribose] polymerase 14'
2 non-polymer 'CHLORIDE ION'
3 non-polymer 'DIMETHYL SULFOXIDE'
4 non-polymer 2-methoxy-4-morpholin-4-yl-aniline
5 water water
#
_entity_poly.entity_id   1
_entity_poly.type   'polypeptide(L)'
_entity_poly.pdbx_seq_one_letter_code
;SMFYGTVSSPDSGVYEMKIGSIIFQVASGDITKEEADVIVNSTSNSFNLKAGVSKAILECAGQNVERECSQQAQQRKNDY
IITGGGFLRCKNIIHVIGGNDVKSSVSSVLQECEKKNYSSICLPAIGTGNAKQHPDKVAEAIIDAIEDFVQKGSAQSVKK
VKVVIFLPQVLDVFYANMKKREG
;
_entity_poly.pdbx_strand_id   A
#
# COMPACT_ATOMS: atom_id res chain seq x y z
N MET A 2 10.46 -15.50 14.90
CA MET A 2 11.63 -14.79 14.33
C MET A 2 11.45 -13.28 14.28
N PHE A 3 10.79 -12.76 13.24
CA PHE A 3 10.74 -11.28 12.98
C PHE A 3 9.69 -10.41 13.70
N TYR A 4 8.66 -11.02 14.28
CA TYR A 4 7.48 -10.27 14.76
C TYR A 4 7.57 -9.81 16.21
N GLY A 5 7.26 -8.54 16.44
CA GLY A 5 7.08 -7.99 17.79
C GLY A 5 5.67 -8.19 18.34
N THR A 6 5.25 -7.25 19.16
CA THR A 6 4.00 -7.32 19.92
C THR A 6 2.94 -6.36 19.33
N VAL A 7 1.70 -6.80 19.24
CA VAL A 7 0.59 -5.93 18.79
C VAL A 7 0.14 -5.02 19.94
N SER A 8 0.08 -3.72 19.70
CA SER A 8 -0.48 -2.75 20.66
C SER A 8 -1.22 -1.62 19.91
N SER A 9 -1.86 -0.72 20.69
CA SER A 9 -2.60 0.42 20.13
C SER A 9 -2.02 1.75 20.63
N PRO A 10 -1.22 2.45 19.78
CA PRO A 10 -0.60 3.73 20.17
C PRO A 10 -1.54 4.93 20.22
N ASP A 11 -2.65 4.85 19.50
CA ASP A 11 -3.65 5.91 19.41
C ASP A 11 -5.00 5.25 19.17
N SER A 12 -6.08 6.01 19.35
CA SER A 12 -7.44 5.50 19.20
C SER A 12 -7.70 5.02 17.76
N GLY A 13 -8.08 3.75 17.64
CA GLY A 13 -8.34 3.13 16.32
C GLY A 13 -7.12 2.70 15.51
N VAL A 14 -5.91 2.80 16.07
CA VAL A 14 -4.66 2.46 15.36
C VAL A 14 -4.00 1.28 16.10
N TYR A 15 -3.56 0.28 15.33
CA TYR A 15 -2.93 -0.93 15.88
C TYR A 15 -1.61 -1.14 15.18
N GLU A 16 -0.56 -1.51 15.92
CA GLU A 16 0.78 -1.63 15.34
C GLU A 16 1.58 -2.79 15.90
N MET A 17 2.56 -3.24 15.11
CA MET A 17 3.57 -4.20 15.57
C MET A 17 4.84 -4.05 14.75
N LYS A 18 5.98 -4.39 15.34
CA LYS A 18 7.23 -4.42 14.58
C LYS A 18 7.33 -5.69 13.72
N ILE A 19 7.84 -5.53 12.49
CA ILE A 19 8.25 -6.63 11.63
C ILE A 19 9.71 -6.31 11.28
N GLY A 20 10.65 -7.02 11.92
CA GLY A 20 12.05 -6.60 11.93
C GLY A 20 12.14 -5.17 12.44
N SER A 21 12.81 -4.33 11.65
CA SER A 21 12.97 -2.91 11.96
C SER A 21 11.77 -2.02 11.58
N ILE A 22 10.79 -2.55 10.83
CA ILE A 22 9.70 -1.73 10.27
C ILE A 22 8.52 -1.68 11.26
N ILE A 23 7.93 -0.52 11.43
CA ILE A 23 6.67 -0.41 12.18
C ILE A 23 5.51 -0.62 11.18
N PHE A 24 4.73 -1.68 11.40
CA PHE A 24 3.55 -1.98 10.61
C PHE A 24 2.31 -1.54 11.39
N GLN A 25 1.47 -0.69 10.77
CA GLN A 25 0.25 -0.15 11.39
C GLN A 25 -0.98 -0.38 10.53
N VAL A 26 -2.14 -0.53 11.20
CA VAL A 26 -3.44 -0.55 10.54
C VAL A 26 -4.43 0.40 11.26
N ALA A 27 -5.32 1.01 10.47
CA ALA A 27 -6.39 1.90 10.99
C ALA A 27 -7.49 2.02 9.94
N SER A 28 -8.68 2.42 10.38
N SER A 28 -8.69 2.42 10.37
N SER A 28 -8.68 2.41 10.37
CA SER A 28 -9.79 2.75 9.48
CA SER A 28 -9.78 2.70 9.42
CA SER A 28 -9.78 2.73 9.44
C SER A 28 -9.75 4.23 9.13
C SER A 28 -9.94 4.21 9.19
C SER A 28 -9.79 4.22 9.15
N GLY A 29 -10.27 4.59 7.96
CA GLY A 29 -10.40 6.02 7.56
C GLY A 29 -10.29 6.29 6.07
N ASP A 30 -10.18 7.58 5.73
CA ASP A 30 -10.03 8.05 4.35
C ASP A 30 -8.53 8.21 4.05
N ILE A 31 -8.02 7.33 3.20
CA ILE A 31 -6.58 7.34 2.82
C ILE A 31 -6.12 8.68 2.21
N THR A 32 -7.04 9.42 1.56
CA THR A 32 -6.66 10.70 0.94
C THR A 32 -6.32 11.84 1.94
N LYS A 33 -6.60 11.61 3.22
CA LYS A 33 -6.23 12.58 4.28
C LYS A 33 -4.87 12.26 4.94
N GLU A 34 -4.21 11.17 4.54
CA GLU A 34 -2.93 10.77 5.11
C GLU A 34 -1.75 11.50 4.49
N GLU A 35 -0.67 11.62 5.27
CA GLU A 35 0.63 12.10 4.78
C GLU A 35 1.64 10.95 4.82
N ALA A 36 2.37 10.73 3.72
CA ALA A 36 3.41 9.68 3.62
C ALA A 36 4.28 9.99 2.42
N ASP A 37 5.49 9.42 2.35
CA ASP A 37 6.29 9.60 1.13
C ASP A 37 5.57 9.03 -0.10
N VAL A 38 4.99 7.83 0.03
CA VAL A 38 4.19 7.19 -1.03
C VAL A 38 2.81 6.83 -0.49
N ILE A 39 1.78 7.15 -1.30
CA ILE A 39 0.42 6.63 -1.14
C ILE A 39 0.16 5.66 -2.30
N VAL A 40 -0.44 4.50 -2.01
CA VAL A 40 -0.76 3.48 -3.02
C VAL A 40 -2.24 3.56 -3.45
N ASN A 41 -2.48 3.54 -4.76
CA ASN A 41 -3.83 3.42 -5.34
C ASN A 41 -4.05 1.98 -5.83
N SER A 42 -5.28 1.46 -5.67
CA SER A 42 -5.67 0.12 -6.16
C SER A 42 -6.67 0.34 -7.29
N THR A 43 -6.26 0.03 -8.52
CA THR A 43 -7.01 0.44 -9.72
C THR A 43 -7.12 -0.70 -10.76
N SER A 44 -7.63 -0.37 -11.94
CA SER A 44 -7.79 -1.32 -13.06
C SER A 44 -6.51 -1.40 -13.91
N ASN A 45 -6.50 -2.31 -14.88
CA ASN A 45 -5.31 -2.52 -15.73
C ASN A 45 -5.08 -1.39 -16.73
N SER A 46 -6.09 -0.53 -16.87
CA SER A 46 -6.00 0.69 -17.66
C SER A 46 -5.58 1.95 -16.87
N PHE A 47 -5.47 1.81 -15.54
CA PHE A 47 -5.12 2.94 -14.62
C PHE A 47 -6.03 4.20 -14.69
N ASN A 48 -7.30 3.99 -15.03
CA ASN A 48 -8.27 5.09 -15.18
C ASN A 48 -9.59 4.84 -14.45
N LEU A 49 -9.61 3.91 -13.49
CA LEU A 49 -10.83 3.59 -12.72
C LEU A 49 -11.12 4.69 -11.70
N LYS A 50 -12.41 4.94 -11.45
CA LYS A 50 -12.84 5.95 -10.49
C LYS A 50 -14.02 5.42 -9.68
N ALA A 51 -13.76 4.38 -8.89
CA ALA A 51 -14.78 3.74 -8.03
C ALA A 51 -14.10 3.38 -6.69
N GLY A 52 -14.77 3.62 -5.56
CA GLY A 52 -14.19 3.27 -4.25
C GLY A 52 -12.94 4.09 -3.99
N VAL A 53 -11.88 3.42 -3.53
CA VAL A 53 -10.57 4.05 -3.25
C VAL A 53 -10.04 4.85 -4.42
N SER A 54 -10.09 4.25 -5.61
CA SER A 54 -9.60 4.90 -6.85
C SER A 54 -10.36 6.20 -7.19
N LYS A 55 -11.66 6.26 -6.90
CA LYS A 55 -12.43 7.52 -7.03
C LYS A 55 -11.87 8.60 -6.12
N ALA A 56 -11.73 8.29 -4.84
CA ALA A 56 -11.21 9.26 -3.86
C ALA A 56 -9.81 9.73 -4.22
N ILE A 57 -8.92 8.79 -4.56
CA ILE A 57 -7.54 9.14 -4.91
C ILE A 57 -7.46 10.01 -6.17
N LEU A 58 -8.12 9.64 -7.27
CA LEU A 58 -8.01 10.47 -8.48
C LEU A 58 -8.70 11.83 -8.35
N GLU A 59 -9.84 11.90 -7.66
CA GLU A 59 -10.53 13.19 -7.45
C GLU A 59 -9.69 14.16 -6.62
N CYS A 60 -9.13 13.70 -5.50
N CYS A 60 -9.12 13.69 -5.52
N CYS A 60 -9.12 13.69 -5.52
CA CYS A 60 -8.29 14.52 -4.64
CA CYS A 60 -8.33 14.52 -4.62
CA CYS A 60 -8.33 14.52 -4.62
C CYS A 60 -6.94 14.86 -5.25
C CYS A 60 -6.91 14.82 -5.16
C CYS A 60 -6.91 14.82 -5.16
N ALA A 61 -6.33 13.89 -5.92
CA ALA A 61 -4.99 14.09 -6.57
C ALA A 61 -5.04 15.12 -7.70
N GLY A 62 -6.08 15.04 -8.52
CA GLY A 62 -6.36 16.05 -9.54
C GLY A 62 -6.10 15.60 -10.97
N GLN A 63 -6.43 16.49 -11.91
CA GLN A 63 -6.45 16.12 -13.33
C GLN A 63 -5.07 15.87 -13.94
N ASN A 64 -4.03 16.54 -13.45
CA ASN A 64 -2.67 16.29 -13.94
C ASN A 64 -2.21 14.86 -13.65
N VAL A 65 -2.52 14.34 -12.45
CA VAL A 65 -2.24 12.94 -12.12
C VAL A 65 -3.05 11.97 -13.00
N GLU A 66 -4.34 12.26 -13.20
CA GLU A 66 -5.19 11.49 -14.13
C GLU A 66 -4.58 11.39 -15.51
N ARG A 67 -4.16 12.54 -16.04
CA ARG A 67 -3.51 12.62 -17.35
C ARG A 67 -2.20 11.81 -17.43
N GLU A 68 -1.37 11.90 -16.39
N GLU A 68 -1.36 11.93 -16.40
N GLU A 68 -1.37 11.90 -16.39
CA GLU A 68 -0.11 11.16 -16.32
CA GLU A 68 -0.12 11.16 -16.25
CA GLU A 68 -0.11 11.16 -16.32
C GLU A 68 -0.33 9.64 -16.32
C GLU A 68 -0.36 9.65 -16.35
C GLU A 68 -0.33 9.64 -16.32
N CYS A 69 -1.40 9.19 -15.67
CA CYS A 69 -1.79 7.75 -15.67
C CYS A 69 -2.12 7.18 -17.04
N SER A 70 -2.99 7.88 -17.78
N SER A 70 -2.99 7.89 -17.77
N SER A 70 -2.99 7.88 -17.78
CA SER A 70 -3.42 7.44 -19.11
CA SER A 70 -3.42 7.48 -19.11
CA SER A 70 -3.42 7.44 -19.11
C SER A 70 -2.30 7.55 -20.15
C SER A 70 -2.29 7.54 -20.14
C SER A 70 -2.30 7.55 -20.15
N GLN A 71 -1.40 8.53 -19.99
CA GLN A 71 -0.21 8.66 -20.86
C GLN A 71 0.79 7.51 -20.68
N GLN A 72 1.07 7.13 -19.44
CA GLN A 72 1.92 5.96 -19.17
C GLN A 72 1.24 4.64 -19.56
N ALA A 73 -0.08 4.55 -19.38
CA ALA A 73 -0.85 3.37 -19.78
C ALA A 73 -0.74 3.02 -21.28
N GLN A 74 -0.81 4.05 -22.12
CA GLN A 74 -0.69 3.89 -23.57
C GLN A 74 0.73 3.56 -24.03
N GLN A 75 1.73 4.07 -23.31
CA GLN A 75 3.17 3.88 -23.66
C GLN A 75 3.68 2.43 -23.66
N ARG A 76 3.27 1.64 -22.68
CA ARG A 76 3.72 0.25 -22.53
C ARG A 76 2.75 -0.56 -21.68
N LYS A 77 2.97 -1.87 -21.61
CA LYS A 77 2.22 -2.75 -20.69
C LYS A 77 2.87 -2.67 -19.30
N ASN A 78 2.12 -2.13 -18.33
CA ASN A 78 2.62 -1.89 -16.97
C ASN A 78 1.92 -2.79 -15.95
N ASP A 79 2.68 -3.41 -15.04
CA ASP A 79 2.09 -4.04 -13.85
C ASP A 79 1.69 -2.99 -12.80
N TYR A 80 2.39 -1.85 -12.77
CA TYR A 80 2.06 -0.70 -11.91
C TYR A 80 2.70 0.54 -12.53
N ILE A 81 2.25 1.72 -12.14
CA ILE A 81 2.89 2.96 -12.58
C ILE A 81 3.12 3.90 -11.41
N ILE A 82 4.10 4.78 -11.57
CA ILE A 82 4.46 5.77 -10.57
C ILE A 82 4.19 7.17 -11.12
N THR A 83 3.43 7.98 -10.38
CA THR A 83 3.11 9.38 -10.78
C THR A 83 3.50 10.31 -9.63
N GLY A 84 3.42 11.62 -9.89
CA GLY A 84 3.46 12.60 -8.81
C GLY A 84 2.29 12.44 -7.87
N GLY A 85 2.35 13.16 -6.76
CA GLY A 85 1.32 13.15 -5.74
C GLY A 85 0.14 14.08 -5.99
N GLY A 86 0.25 14.98 -6.98
CA GLY A 86 -0.80 15.99 -7.19
C GLY A 86 -1.12 16.74 -5.91
N PHE A 87 -2.40 16.86 -5.59
CA PHE A 87 -2.84 17.52 -4.35
C PHE A 87 -3.03 16.58 -3.14
N LEU A 88 -2.55 15.34 -3.23
CA LEU A 88 -2.40 14.51 -2.04
C LEU A 88 -1.12 14.89 -1.29
N ARG A 89 -1.08 14.55 0.00
CA ARG A 89 0.07 14.83 0.87
C ARG A 89 1.12 13.69 0.78
N CYS A 90 1.74 13.60 -0.39
CA CYS A 90 2.77 12.60 -0.64
C CYS A 90 3.71 13.07 -1.74
N LYS A 91 4.85 12.40 -1.85
CA LYS A 91 5.84 12.70 -2.90
C LYS A 91 5.49 11.98 -4.21
N ASN A 92 5.01 10.73 -4.14
CA ASN A 92 4.58 9.95 -5.31
C ASN A 92 3.37 9.09 -4.96
N ILE A 93 2.54 8.82 -5.97
CA ILE A 93 1.50 7.80 -5.88
C ILE A 93 1.98 6.61 -6.71
N ILE A 94 1.91 5.40 -6.13
CA ILE A 94 2.13 4.16 -6.92
C ILE A 94 0.77 3.49 -7.13
N HIS A 95 0.39 3.37 -8.40
CA HIS A 95 -0.91 2.81 -8.81
C HIS A 95 -0.71 1.33 -9.17
N VAL A 96 -1.24 0.44 -8.33
CA VAL A 96 -1.14 -1.01 -8.56
C VAL A 96 -2.51 -1.53 -9.06
N ILE A 97 -2.50 -2.71 -9.69
CA ILE A 97 -3.71 -3.33 -10.26
C ILE A 97 -4.37 -4.19 -9.17
N GLY A 98 -5.60 -3.83 -8.79
CA GLY A 98 -6.31 -4.51 -7.72
C GLY A 98 -6.48 -6.03 -7.90
N GLY A 99 -6.64 -6.45 -9.16
CA GLY A 99 -6.81 -7.87 -9.51
C GLY A 99 -5.53 -8.70 -9.51
N ASN A 100 -4.37 -8.06 -9.48
CA ASN A 100 -3.08 -8.78 -9.47
C ASN A 100 -2.78 -9.39 -8.12
N ASP A 101 -1.80 -10.32 -8.14
CA ASP A 101 -1.25 -10.90 -6.92
C ASP A 101 -0.80 -9.80 -5.95
N VAL A 102 -1.44 -9.74 -4.78
CA VAL A 102 -1.21 -8.65 -3.82
C VAL A 102 0.20 -8.70 -3.21
N LYS A 103 0.71 -9.90 -2.93
CA LYS A 103 2.08 -10.03 -2.41
C LYS A 103 3.10 -9.43 -3.38
N SER A 104 2.95 -9.75 -4.68
N SER A 104 2.96 -9.75 -4.68
N SER A 104 2.95 -9.75 -4.68
CA SER A 104 3.81 -9.21 -5.73
CA SER A 104 3.83 -9.19 -5.71
CA SER A 104 3.81 -9.21 -5.73
C SER A 104 3.72 -7.69 -5.84
C SER A 104 3.73 -7.67 -5.80
C SER A 104 3.72 -7.69 -5.84
N SER A 105 2.50 -7.16 -5.78
CA SER A 105 2.28 -5.70 -5.80
C SER A 105 2.96 -4.95 -4.64
N VAL A 106 2.79 -5.49 -3.44
CA VAL A 106 3.43 -4.89 -2.26
C VAL A 106 4.98 -4.98 -2.31
N SER A 107 5.50 -6.12 -2.75
N SER A 107 5.51 -6.13 -2.75
N SER A 107 5.50 -6.12 -2.75
CA SER A 107 6.95 -6.28 -2.92
CA SER A 107 6.95 -6.28 -2.94
CA SER A 107 6.95 -6.28 -2.92
C SER A 107 7.52 -5.22 -3.88
C SER A 107 7.51 -5.19 -3.86
C SER A 107 7.52 -5.22 -3.88
N SER A 108 6.82 -4.95 -4.97
CA SER A 108 7.21 -3.89 -5.93
C SER A 108 7.17 -2.48 -5.31
N VAL A 109 6.12 -2.18 -4.54
CA VAL A 109 6.04 -0.90 -3.81
C VAL A 109 7.25 -0.70 -2.86
N LEU A 110 7.56 -1.73 -2.07
CA LEU A 110 8.68 -1.67 -1.13
C LEU A 110 10.02 -1.40 -1.85
N GLN A 111 10.27 -2.12 -2.94
N GLN A 111 10.27 -2.12 -2.94
N GLN A 111 10.27 -2.15 -2.93
CA GLN A 111 11.50 -1.96 -3.73
CA GLN A 111 11.50 -1.96 -3.73
CA GLN A 111 11.44 -1.98 -3.80
C GLN A 111 11.62 -0.56 -4.36
C GLN A 111 11.62 -0.56 -4.36
C GLN A 111 11.59 -0.56 -4.32
N GLU A 112 10.51 -0.03 -4.89
CA GLU A 112 10.49 1.34 -5.46
C GLU A 112 10.73 2.43 -4.39
N CYS A 113 10.23 2.18 -3.17
CA CYS A 113 10.47 3.12 -2.06
C CYS A 113 11.94 3.11 -1.61
N GLU A 114 12.58 1.95 -1.52
CA GLU A 114 14.03 1.87 -1.28
C GLU A 114 14.86 2.60 -2.35
N LYS A 115 14.49 2.44 -3.63
N LYS A 115 14.49 2.44 -3.63
N LYS A 115 14.49 2.44 -3.63
CA LYS A 115 15.18 3.13 -4.72
CA LYS A 115 15.16 3.13 -4.73
CA LYS A 115 15.16 3.13 -4.73
C LYS A 115 15.16 4.65 -4.57
C LYS A 115 15.14 4.65 -4.61
C LYS A 115 15.14 4.65 -4.61
N LYS A 116 14.08 5.19 -3.99
CA LYS A 116 13.97 6.66 -3.74
C LYS A 116 14.42 7.12 -2.34
N ASN A 117 14.94 6.19 -1.51
CA ASN A 117 15.32 6.48 -0.11
C ASN A 117 14.14 7.01 0.73
N TYR A 118 12.94 6.52 0.44
CA TYR A 118 11.73 6.90 1.20
C TYR A 118 11.59 6.09 2.50
N SER A 119 10.97 6.74 3.49
CA SER A 119 10.78 6.13 4.81
C SER A 119 9.37 5.68 5.16
N SER A 120 8.33 6.29 4.56
CA SER A 120 6.94 5.99 4.92
C SER A 120 6.05 5.68 3.71
N ILE A 121 5.15 4.71 3.91
CA ILE A 121 4.23 4.22 2.89
C ILE A 121 2.83 4.11 3.53
N CYS A 122 1.79 4.50 2.79
N CYS A 122 1.79 4.50 2.79
N CYS A 122 1.81 4.53 2.77
CA CYS A 122 0.42 4.26 3.20
CA CYS A 122 0.42 4.26 3.20
CA CYS A 122 0.40 4.31 3.12
C CYS A 122 -0.34 3.60 2.04
C CYS A 122 -0.34 3.60 2.04
C CYS A 122 -0.26 3.54 1.99
N LEU A 123 -1.00 2.48 2.33
CA LEU A 123 -1.73 1.68 1.30
C LEU A 123 -3.14 1.35 1.78
N PRO A 124 -4.06 1.09 0.84
CA PRO A 124 -5.39 0.61 1.16
C PRO A 124 -5.36 -0.93 1.30
N ALA A 125 -6.49 -1.55 1.66
CA ALA A 125 -6.65 -3.01 1.54
C ALA A 125 -6.77 -3.42 0.06
N ILE A 126 -5.62 -3.45 -0.60
CA ILE A 126 -5.50 -3.62 -2.06
C ILE A 126 -6.32 -4.84 -2.52
N GLY A 127 -7.17 -4.66 -3.53
CA GLY A 127 -7.92 -5.77 -4.12
C GLY A 127 -9.29 -6.05 -3.52
N THR A 128 -9.63 -5.42 -2.38
CA THR A 128 -10.90 -5.71 -1.73
C THR A 128 -12.07 -4.89 -2.31
N GLY A 129 -11.79 -3.94 -3.21
CA GLY A 129 -12.80 -3.10 -3.85
C GLY A 129 -13.37 -3.75 -5.10
N ASN A 130 -13.27 -3.08 -6.25
CA ASN A 130 -13.85 -3.63 -7.50
C ASN A 130 -13.30 -5.02 -7.86
N ALA A 131 -12.04 -5.32 -7.52
CA ALA A 131 -11.43 -6.62 -7.83
C ALA A 131 -12.04 -7.80 -7.05
N LYS A 132 -12.67 -7.51 -5.90
CA LYS A 132 -13.39 -8.52 -5.09
C LYS A 132 -12.50 -9.72 -4.68
N GLN A 133 -11.25 -9.45 -4.28
CA GLN A 133 -10.42 -10.43 -3.58
C GLN A 133 -10.86 -10.50 -2.10
N HIS A 134 -10.70 -11.69 -1.49
N HIS A 134 -10.70 -11.69 -1.49
N HIS A 134 -10.69 -11.67 -1.49
CA HIS A 134 -11.10 -11.95 -0.10
CA HIS A 134 -11.10 -11.95 -0.10
CA HIS A 134 -11.14 -11.92 -0.12
C HIS A 134 -10.21 -11.18 0.88
C HIS A 134 -10.21 -11.18 0.88
C HIS A 134 -10.23 -11.21 0.90
N PRO A 135 -10.82 -10.46 1.85
CA PRO A 135 -10.02 -9.74 2.89
C PRO A 135 -8.94 -10.50 3.67
N ASP A 136 -9.23 -11.75 4.03
N ASP A 136 -9.17 -11.75 4.08
N ASP A 136 -9.23 -11.75 4.03
CA ASP A 136 -8.27 -12.61 4.74
CA ASP A 136 -8.10 -12.47 4.81
CA ASP A 136 -8.27 -12.61 4.74
C ASP A 136 -7.03 -12.94 3.90
C ASP A 136 -6.96 -12.91 3.88
C ASP A 136 -7.03 -12.94 3.90
N LYS A 137 -7.26 -13.23 2.62
CA LYS A 137 -6.15 -13.52 1.65
C LYS A 137 -5.31 -12.25 1.38
N VAL A 138 -5.99 -11.10 1.29
CA VAL A 138 -5.32 -9.80 1.09
C VAL A 138 -4.44 -9.45 2.29
N ALA A 139 -4.98 -9.60 3.51
CA ALA A 139 -4.19 -9.32 4.72
C ALA A 139 -2.94 -10.23 4.82
N GLU A 140 -3.14 -11.52 4.58
CA GLU A 140 -2.03 -12.49 4.60
C GLU A 140 -0.93 -12.12 3.59
N ALA A 141 -1.34 -11.71 2.39
CA ALA A 141 -0.41 -11.32 1.31
C ALA A 141 0.39 -10.04 1.62
N ILE A 142 -0.29 -9.02 2.15
CA ILE A 142 0.38 -7.75 2.50
C ILE A 142 1.46 -8.00 3.56
N ILE A 143 1.10 -8.72 4.63
CA ILE A 143 2.04 -8.92 5.73
C ILE A 143 3.17 -9.88 5.28
N ASP A 144 2.84 -10.92 4.51
CA ASP A 144 3.87 -11.81 3.94
C ASP A 144 4.91 -11.05 3.09
N ALA A 145 4.48 -10.06 2.28
CA ALA A 145 5.42 -9.28 1.47
C ALA A 145 6.41 -8.51 2.35
N ILE A 146 5.91 -7.93 3.44
CA ILE A 146 6.79 -7.20 4.36
C ILE A 146 7.78 -8.16 5.08
N GLU A 147 7.28 -9.32 5.54
CA GLU A 147 8.16 -10.35 6.13
C GLU A 147 9.31 -10.78 5.19
N ASP A 148 8.98 -11.05 3.92
N ASP A 148 8.98 -11.06 3.92
N ASP A 148 8.98 -11.06 3.92
CA ASP A 148 9.96 -11.46 2.92
CA ASP A 148 9.98 -11.46 2.93
CA ASP A 148 9.98 -11.46 2.93
C ASP A 148 11.03 -10.38 2.68
C ASP A 148 11.03 -10.38 2.68
C ASP A 148 11.03 -10.38 2.68
N PHE A 149 10.58 -9.13 2.57
CA PHE A 149 11.47 -7.96 2.39
C PHE A 149 12.46 -7.79 3.57
N VAL A 150 11.95 -7.97 4.79
CA VAL A 150 12.79 -7.98 6.01
C VAL A 150 13.76 -9.18 6.04
N GLN A 151 13.26 -10.36 5.73
CA GLN A 151 14.08 -11.61 5.77
C GLN A 151 15.29 -11.52 4.84
N LYS A 152 15.10 -10.92 3.66
CA LYS A 152 16.17 -10.75 2.66
C LYS A 152 17.17 -9.62 3.00
N GLY A 153 16.94 -8.88 4.08
CA GLY A 153 17.82 -7.79 4.50
C GLY A 153 17.65 -6.53 3.67
N SER A 154 16.48 -6.37 3.04
CA SER A 154 16.26 -5.27 2.11
C SER A 154 15.81 -3.95 2.78
N ALA A 155 15.34 -4.01 4.03
CA ALA A 155 14.89 -2.80 4.72
C ALA A 155 16.10 -1.94 5.13
N GLN A 156 16.17 -0.73 4.58
N GLN A 156 16.17 -0.71 4.60
N GLN A 156 16.17 -0.73 4.58
CA GLN A 156 17.24 0.23 4.89
CA GLN A 156 17.26 0.23 4.91
CA GLN A 156 17.24 0.23 4.89
C GLN A 156 16.60 1.60 5.15
C GLN A 156 16.70 1.66 5.12
C GLN A 156 16.60 1.60 5.15
N SER A 157 16.04 2.21 4.12
N SER A 157 16.03 2.20 4.11
N SER A 157 16.04 2.21 4.12
CA SER A 157 15.34 3.48 4.25
CA SER A 157 15.34 3.49 4.26
CA SER A 157 15.34 3.48 4.25
C SER A 157 13.90 3.35 4.76
C SER A 157 13.89 3.36 4.76
C SER A 157 13.90 3.35 4.76
N VAL A 158 13.19 2.30 4.36
CA VAL A 158 11.75 2.08 4.76
C VAL A 158 11.64 1.77 6.26
N LYS A 159 10.88 2.62 6.98
CA LYS A 159 10.68 2.52 8.43
C LYS A 159 9.24 2.29 8.89
N LYS A 160 8.26 2.70 8.07
CA LYS A 160 6.85 2.69 8.48
C LYS A 160 5.95 2.32 7.28
N VAL A 161 5.11 1.31 7.47
CA VAL A 161 4.13 0.88 6.47
C VAL A 161 2.76 0.86 7.17
N LYS A 162 1.82 1.70 6.70
CA LYS A 162 0.49 1.85 7.32
C LYS A 162 -0.61 1.47 6.33
N VAL A 163 -1.53 0.59 6.72
CA VAL A 163 -2.71 0.27 5.91
C VAL A 163 -3.88 1.08 6.47
N VAL A 164 -4.44 1.99 5.66
CA VAL A 164 -5.66 2.74 6.02
C VAL A 164 -6.81 2.13 5.23
N ILE A 165 -7.82 1.62 5.95
CA ILE A 165 -8.82 0.68 5.45
C ILE A 165 -10.23 1.37 5.49
N PHE A 166 -10.93 1.45 4.37
CA PHE A 166 -12.21 2.18 4.34
C PHE A 166 -13.30 1.57 5.24
N LEU A 167 -13.48 0.25 5.16
CA LEU A 167 -14.50 -0.44 5.95
C LEU A 167 -13.95 -0.99 7.28
N PRO A 168 -14.52 -0.56 8.43
CA PRO A 168 -14.06 -1.10 9.71
C PRO A 168 -14.08 -2.63 9.84
N GLN A 169 -15.04 -3.32 9.21
CA GLN A 169 -15.06 -4.78 9.27
C GLN A 169 -13.82 -5.44 8.62
N VAL A 170 -13.20 -4.78 7.64
CA VAL A 170 -11.97 -5.30 7.04
C VAL A 170 -10.77 -5.07 7.99
N LEU A 171 -10.77 -3.97 8.73
CA LEU A 171 -9.79 -3.78 9.80
C LEU A 171 -9.72 -4.95 10.79
N ASP A 172 -10.89 -5.48 11.20
CA ASP A 172 -10.98 -6.65 12.08
C ASP A 172 -10.11 -7.80 11.60
N VAL A 173 -10.23 -8.08 10.31
CA VAL A 173 -9.51 -9.18 9.64
C VAL A 173 -7.97 -8.96 9.69
N PHE A 174 -7.53 -7.73 9.46
CA PHE A 174 -6.09 -7.41 9.54
C PHE A 174 -5.56 -7.56 10.98
N TYR A 175 -6.31 -7.05 11.96
CA TYR A 175 -5.92 -7.19 13.36
C TYR A 175 -5.75 -8.67 13.77
N ALA A 176 -6.72 -9.51 13.39
CA ALA A 176 -6.62 -10.95 13.73
C ALA A 176 -5.37 -11.59 13.10
N ASN A 177 -5.03 -11.18 11.88
CA ASN A 177 -3.85 -11.74 11.19
C ASN A 177 -2.55 -11.31 11.91
N MET A 178 -2.48 -10.05 12.34
CA MET A 178 -1.36 -9.56 13.16
C MET A 178 -1.19 -10.39 14.45
N LYS A 179 -2.30 -10.63 15.15
CA LYS A 179 -2.29 -11.42 16.40
C LYS A 179 -1.79 -12.86 16.17
N LYS A 180 -2.15 -13.45 15.03
CA LYS A 180 -1.67 -14.81 14.69
C LYS A 180 -0.13 -14.85 14.65
N ARG A 181 0.48 -13.77 14.16
CA ARG A 181 1.92 -13.74 13.94
C ARG A 181 2.77 -13.25 15.11
N GLU A 182 2.15 -12.58 16.10
CA GLU A 182 2.95 -11.84 17.10
C GLU A 182 3.84 -12.75 17.93
N GLY A 183 4.97 -12.19 18.35
CA GLY A 183 5.91 -12.89 19.23
C GLY A 183 5.40 -13.09 20.64
#